data_2R6V
#
_entry.id   2R6V
#
_cell.length_a   46.200
_cell.length_b   46.200
_cell.length_c   267.590
_cell.angle_alpha   90.000
_cell.angle_beta   90.000
_cell.angle_gamma   120.000
#
_symmetry.space_group_name_H-M   'P 61 2 2'
#
loop_
_entity.id
_entity.type
_entity.pdbx_description
1 polymer 'Uncharacterized protein PH0856'
2 non-polymer 'FLAVIN MONONUCLEOTIDE'
3 non-polymer NICOTINAMIDE
4 non-polymer 1,2-ETHANEDIOL
5 water water
#
_entity_poly.entity_id   1
_entity_poly.type   'polypeptide(L)'
_entity_poly.pdbx_seq_one_letter_code
;(MSE)GSDKIHHHHHHENLYFQG(MSE)EGYRLLYP(MSE)RTYLIVSGHGEETNV(MSE)AADWVTVVSFDPFIVGVAV
APKRTTHKLIKKYGEFVISVPSLDVLRDVWIAGTKKGPSKLKE(MSE)SVTLIPSKKVKVPSIEEALANIECRVIDARSY
GDHTFFVGEVVGYTYKDYAFEKGKPNLKAKFLAHVSWSEFVTFSEKVHKAE
;
_entity_poly.pdbx_strand_id   A
#
loop_
_chem_comp.id
_chem_comp.type
_chem_comp.name
_chem_comp.formula
EDO non-polymer 1,2-ETHANEDIOL 'C2 H6 O2'
FMN non-polymer 'FLAVIN MONONUCLEOTIDE' 'C17 H21 N4 O9 P'
NCA non-polymer NICOTINAMIDE 'C6 H6 N2 O'
#
# COMPACT_ATOMS: atom_id res chain seq x y z
N HIS A 10 19.21 11.36 4.09
CA HIS A 10 18.07 11.85 3.28
C HIS A 10 17.06 12.54 4.18
N HIS A 11 16.40 13.56 3.63
CA HIS A 11 15.26 14.13 4.30
C HIS A 11 14.11 14.27 3.32
N HIS A 12 12.90 14.24 3.86
CA HIS A 12 11.68 14.50 3.09
C HIS A 12 11.82 15.83 2.36
N GLU A 13 11.24 15.93 1.19
CA GLU A 13 11.27 17.18 0.48
C GLU A 13 10.58 18.26 1.32
N ASN A 14 11.03 19.50 1.13
CA ASN A 14 10.43 20.65 1.82
C ASN A 14 10.51 20.57 3.35
N LEU A 15 11.61 20.01 3.83
CA LEU A 15 11.97 20.04 5.26
C LEU A 15 12.86 21.26 5.45
N TYR A 16 12.26 22.38 5.82
CA TYR A 16 13.01 23.65 5.86
C TYR A 16 14.04 23.71 6.99
N PHE A 17 13.69 23.14 8.14
CA PHE A 17 14.59 23.01 9.27
C PHE A 17 15.13 21.59 9.36
N GLN A 18 16.41 21.41 9.04
CA GLN A 18 16.99 20.08 9.03
C GLN A 18 16.87 19.43 10.39
N GLY A 19 16.43 18.18 10.38
CA GLY A 19 16.33 17.40 11.61
C GLY A 19 15.50 16.17 11.26
N MSE A 20 15.26 15.34 12.26
CA MSE A 20 14.45 14.15 12.02
C MSE A 20 13.01 14.60 11.84
O MSE A 20 12.48 15.37 12.64
CB MSE A 20 14.52 13.23 13.22
CG MSE A 20 13.71 11.93 13.04
SE MSE A 20 13.94 10.63 14.36
CE MSE A 20 13.07 11.55 15.69
N GLU A 21 12.36 14.08 10.80
CA GLU A 21 10.97 14.37 10.59
C GLU A 21 10.16 13.83 11.76
N GLY A 22 9.18 14.62 12.23
CA GLY A 22 8.38 14.18 13.37
C GLY A 22 7.70 12.85 13.15
N TYR A 23 7.26 12.63 11.90
CA TYR A 23 6.54 11.39 11.61
C TYR A 23 7.38 10.16 11.82
N ARG A 24 8.70 10.32 11.86
N ARG A 24 8.71 10.30 11.84
CA ARG A 24 9.55 9.18 12.04
CA ARG A 24 9.57 9.12 12.08
C ARG A 24 9.40 8.52 13.42
C ARG A 24 9.37 8.49 13.43
N LEU A 25 8.81 9.25 14.38
CA LEU A 25 8.52 8.70 15.69
C LEU A 25 7.50 7.56 15.66
N LEU A 26 6.74 7.44 14.56
CA LEU A 26 5.80 6.33 14.42
CA LEU A 26 5.80 6.33 14.40
C LEU A 26 6.41 5.14 13.70
N TYR A 27 7.63 5.28 13.19
CA TYR A 27 8.30 4.25 12.40
C TYR A 27 9.02 3.24 13.32
N PRO A 28 9.29 2.03 12.82
CA PRO A 28 8.96 1.54 11.46
C PRO A 28 7.48 1.33 11.23
N MSE A 29 7.06 1.54 9.99
CA MSE A 29 5.68 1.35 9.55
C MSE A 29 5.64 0.33 8.43
O MSE A 29 6.59 0.24 7.67
CB MSE A 29 5.10 2.67 9.01
CG MSE A 29 4.95 3.79 10.05
SE MSE A 29 3.96 5.32 9.48
CE MSE A 29 2.18 4.70 9.71
N ARG A 30 4.56 -0.39 8.31
CA ARG A 30 4.36 -1.25 7.16
C ARG A 30 4.31 -0.44 5.86
N THR A 31 4.79 -1.06 4.79
CA THR A 31 4.69 -0.47 3.46
C THR A 31 3.74 -1.29 2.61
N TYR A 32 2.78 -0.62 2.01
CA TYR A 32 1.84 -1.19 1.10
C TYR A 32 2.00 -0.59 -0.29
N LEU A 33 1.28 -1.14 -1.24
CA LEU A 33 1.16 -0.53 -2.57
C LEU A 33 -0.29 -0.11 -2.76
N ILE A 34 -0.49 0.99 -3.46
CA ILE A 34 -1.81 1.45 -3.81
C ILE A 34 -1.93 1.42 -5.32
N VAL A 35 -2.84 0.60 -5.81
CA VAL A 35 -3.17 0.52 -7.23
C VAL A 35 -4.36 1.46 -7.50
N SER A 36 -4.30 2.21 -8.60
CA SER A 36 -5.38 3.12 -8.98
C SER A 36 -5.48 3.12 -10.51
N GLY A 37 -6.57 3.68 -11.00
CA GLY A 37 -6.82 3.68 -12.45
C GLY A 37 -7.14 2.30 -12.99
N HIS A 38 -7.31 2.22 -14.31
CA HIS A 38 -7.41 0.92 -14.97
CA HIS A 38 -7.37 0.92 -14.97
C HIS A 38 -7.03 1.08 -16.43
N GLY A 39 -6.85 -0.04 -17.10
CA GLY A 39 -6.38 -0.02 -18.47
C GLY A 39 -5.03 0.63 -18.57
N GLU A 40 -4.90 1.48 -19.57
CA GLU A 40 -3.68 2.19 -19.81
C GLU A 40 -3.38 3.21 -18.71
N GLU A 41 -4.38 3.56 -17.92
CA GLU A 41 -4.21 4.50 -16.80
CA GLU A 41 -4.21 4.49 -16.81
C GLU A 41 -3.87 3.79 -15.49
N THR A 42 -3.73 2.47 -15.49
CA THR A 42 -3.40 1.76 -14.24
C THR A 42 -2.06 2.26 -13.69
N ASN A 43 -2.05 2.53 -12.39
CA ASN A 43 -0.87 3.06 -11.73
C ASN A 43 -0.67 2.30 -10.41
N VAL A 44 0.56 2.35 -9.90
CA VAL A 44 0.86 1.84 -8.57
C VAL A 44 1.82 2.78 -7.88
N MSE A 45 1.57 3.09 -6.61
CA MSE A 45 2.56 3.81 -5.80
C MSE A 45 2.78 3.08 -4.48
O MSE A 45 1.97 2.24 -4.11
CB MSE A 45 2.16 5.26 -5.52
CG MSE A 45 1.07 5.49 -4.50
SE MSE A 45 0.88 7.33 -4.01
CE MSE A 45 0.47 7.03 -2.12
N ALA A 46 3.86 3.42 -3.79
CA ALA A 46 4.10 2.95 -2.43
C ALA A 46 3.35 3.84 -1.44
N ALA A 47 2.83 3.22 -0.36
CA ALA A 47 2.18 3.99 0.70
C ALA A 47 2.44 3.34 2.04
N ASP A 48 2.96 4.12 2.97
CA ASP A 48 3.07 3.70 4.38
C ASP A 48 1.84 4.18 5.19
N TRP A 49 1.21 5.26 4.76
CA TRP A 49 0.26 5.94 5.65
C TRP A 49 -1.15 5.41 5.40
N VAL A 50 -1.30 4.17 5.84
CA VAL A 50 -2.47 3.31 5.61
C VAL A 50 -2.91 2.77 6.96
N THR A 51 -4.22 2.80 7.22
CA THR A 51 -4.72 2.11 8.40
C THR A 51 -6.12 1.58 8.19
N VAL A 52 -6.52 0.70 9.07
CA VAL A 52 -7.90 0.29 9.20
C VAL A 52 -8.65 1.33 10.01
N VAL A 53 -9.89 1.63 9.61
CA VAL A 53 -10.72 2.60 10.33
C VAL A 53 -12.04 2.03 10.85
N SER A 54 -12.42 0.85 10.41
CA SER A 54 -13.61 0.17 10.91
C SER A 54 -13.50 -1.34 10.73
N PHE A 55 -14.05 -2.09 11.69
CA PHE A 55 -14.11 -3.55 11.63
C PHE A 55 -15.26 -4.03 10.81
N ASP A 56 -16.48 -3.65 11.20
CA ASP A 56 -17.69 -4.08 10.52
C ASP A 56 -18.59 -2.87 10.38
N PRO A 57 -18.71 -2.33 9.15
CA PRO A 57 -18.09 -2.79 7.92
C PRO A 57 -16.60 -2.52 7.90
N PHE A 58 -15.89 -3.27 7.07
CA PHE A 58 -14.47 -3.16 6.93
C PHE A 58 -14.21 -1.90 6.07
N ILE A 59 -13.50 -0.92 6.67
CA ILE A 59 -13.17 0.32 6.02
C ILE A 59 -11.70 0.62 6.31
N VAL A 60 -10.99 1.15 5.33
CA VAL A 60 -9.57 1.48 5.45
C VAL A 60 -9.38 2.95 5.02
N GLY A 61 -8.22 3.53 5.32
CA GLY A 61 -7.87 4.84 4.84
C GLY A 61 -6.42 4.90 4.45
N VAL A 62 -6.12 5.81 3.50
CA VAL A 62 -4.77 6.04 3.04
CA VAL A 62 -4.77 6.03 3.02
C VAL A 62 -4.56 7.54 2.80
N ALA A 63 -3.44 8.07 3.30
CA ALA A 63 -3.08 9.46 3.12
C ALA A 63 -2.24 9.59 1.85
N VAL A 64 -2.72 10.37 0.87
CA VAL A 64 -2.11 10.52 -0.41
C VAL A 64 -1.93 12.01 -0.73
N ALA A 65 -0.71 12.40 -1.06
CA ALA A 65 -0.46 13.82 -1.38
C ALA A 65 -1.15 14.20 -2.70
N PRO A 66 -1.69 15.44 -2.80
CA PRO A 66 -2.28 15.87 -4.06
C PRO A 66 -1.36 15.74 -5.27
N LYS A 67 -0.05 15.83 -5.06
CA LYS A 67 0.86 15.77 -6.19
C LYS A 67 1.09 14.38 -6.74
N ARG A 68 0.63 13.34 -6.02
CA ARG A 68 0.74 11.98 -6.56
C ARG A 68 -0.18 11.82 -7.75
N THR A 69 0.32 11.12 -8.77
CA THR A 69 -0.53 10.75 -9.89
C THR A 69 -1.69 9.91 -9.38
N THR A 70 -1.38 9.05 -8.40
CA THR A 70 -2.38 8.26 -7.73
C THR A 70 -3.56 9.10 -7.19
N HIS A 71 -3.30 10.31 -6.67
CA HIS A 71 -4.35 11.15 -6.19
C HIS A 71 -5.35 11.47 -7.28
N LYS A 72 -4.81 11.81 -8.45
CA LYS A 72 -5.66 12.16 -9.61
CA LYS A 72 -5.68 12.15 -9.57
C LYS A 72 -6.52 10.96 -10.00
N LEU A 73 -5.93 9.77 -9.99
CA LEU A 73 -6.64 8.58 -10.42
C LEU A 73 -7.68 8.12 -9.41
N ILE A 74 -7.39 8.29 -8.12
CA ILE A 74 -8.41 7.98 -7.13
C ILE A 74 -9.57 8.98 -7.22
N LYS A 75 -9.28 10.26 -7.39
CA LYS A 75 -10.34 11.26 -7.61
C LYS A 75 -11.19 10.94 -8.85
N LYS A 76 -10.53 10.48 -9.91
CA LYS A 76 -11.25 10.29 -11.17
C LYS A 76 -12.18 9.08 -11.09
N TYR A 77 -11.71 7.97 -10.51
CA TYR A 77 -12.46 6.72 -10.56
C TYR A 77 -13.12 6.29 -9.25
N GLY A 78 -12.72 6.86 -8.14
CA GLY A 78 -13.36 6.58 -6.88
C GLY A 78 -13.12 5.19 -6.32
N GLU A 79 -12.01 4.59 -6.71
CA GLU A 79 -11.67 3.24 -6.30
C GLU A 79 -10.15 3.14 -6.20
N PHE A 80 -9.70 2.19 -5.35
CA PHE A 80 -8.28 1.88 -5.28
C PHE A 80 -8.14 0.49 -4.70
N VAL A 81 -6.96 -0.09 -4.87
CA VAL A 81 -6.66 -1.41 -4.29
C VAL A 81 -5.42 -1.23 -3.42
N ILE A 82 -5.47 -1.77 -2.20
CA ILE A 82 -4.29 -1.88 -1.36
C ILE A 82 -3.71 -3.24 -1.62
N SER A 83 -2.50 -3.27 -2.15
CA SER A 83 -1.83 -4.55 -2.42
CA SER A 83 -1.80 -4.51 -2.45
C SER A 83 -0.68 -4.67 -1.43
N VAL A 84 -0.56 -5.84 -0.82
CA VAL A 84 0.42 -6.04 0.24
C VAL A 84 1.69 -6.72 -0.33
N PRO A 85 2.82 -5.99 -0.35
CA PRO A 85 4.06 -6.58 -0.89
C PRO A 85 4.85 -7.33 0.18
N SER A 86 5.62 -8.30 -0.27
CA SER A 86 6.65 -8.87 0.57
CA SER A 86 6.66 -8.93 0.53
C SER A 86 8.01 -8.22 0.34
N LEU A 87 8.94 -8.51 1.24
CA LEU A 87 10.29 -8.04 1.14
C LEU A 87 10.94 -8.52 -0.17
N ASP A 88 10.48 -9.66 -0.69
CA ASP A 88 11.09 -10.18 -1.92
C ASP A 88 10.85 -9.29 -3.14
N VAL A 89 9.81 -8.44 -3.10
CA VAL A 89 9.48 -7.52 -4.19
C VAL A 89 9.87 -6.08 -3.89
N LEU A 90 10.84 -5.89 -2.99
CA LEU A 90 11.29 -4.57 -2.63
C LEU A 90 11.67 -3.73 -3.84
N ARG A 91 12.36 -4.30 -4.82
CA ARG A 91 12.74 -3.52 -5.97
C ARG A 91 11.57 -2.87 -6.68
N ASP A 92 10.48 -3.62 -6.75
CA ASP A 92 9.23 -3.10 -7.35
C ASP A 92 8.56 -2.05 -6.48
N VAL A 93 8.57 -2.27 -5.17
CA VAL A 93 8.04 -1.28 -4.22
C VAL A 93 8.82 0.03 -4.37
N TRP A 94 10.14 -0.06 -4.53
CA TRP A 94 10.95 1.14 -4.66
C TRP A 94 10.65 1.90 -5.93
N ILE A 95 10.48 1.19 -7.06
CA ILE A 95 10.03 1.86 -8.27
CA ILE A 95 9.99 1.81 -8.30
C ILE A 95 8.66 2.52 -8.06
N ALA A 96 7.73 1.81 -7.42
CA ALA A 96 6.40 2.39 -7.17
C ALA A 96 6.48 3.66 -6.33
N GLY A 97 7.45 3.73 -5.43
CA GLY A 97 7.59 4.85 -4.51
C GLY A 97 8.56 5.93 -4.94
N THR A 98 9.12 5.80 -6.15
CA THR A 98 10.08 6.79 -6.66
C THR A 98 9.77 7.28 -8.07
N LYS A 99 9.26 6.42 -8.92
CA LYS A 99 8.85 6.82 -10.28
CA LYS A 99 8.88 6.84 -10.26
C LYS A 99 7.42 7.30 -10.27
N LYS A 100 7.03 8.02 -11.31
CA LYS A 100 5.78 8.71 -11.37
C LYS A 100 4.93 8.25 -12.54
N GLY A 101 3.71 7.85 -12.23
CA GLY A 101 2.68 7.55 -13.18
C GLY A 101 2.76 6.21 -13.87
N PRO A 102 1.73 5.93 -14.68
CA PRO A 102 1.54 4.60 -15.29
C PRO A 102 2.71 4.04 -16.08
N SER A 103 3.56 4.89 -16.61
CA SER A 103 4.71 4.40 -17.37
C SER A 103 5.69 3.59 -16.53
N LYS A 104 5.61 3.71 -15.20
CA LYS A 104 6.51 2.95 -14.36
C LYS A 104 6.22 1.45 -14.39
N LEU A 105 5.00 1.05 -14.75
CA LEU A 105 4.63 -0.37 -14.67
CA LEU A 105 4.65 -0.37 -14.64
C LEU A 105 5.51 -1.25 -15.54
N LYS A 106 5.96 -0.71 -16.64
CA LYS A 106 6.91 -1.38 -17.56
CA LYS A 106 6.79 -1.54 -17.51
C LYS A 106 8.20 -1.80 -16.87
N GLU A 107 8.54 -1.15 -15.78
CA GLU A 107 9.74 -1.38 -15.00
CA GLU A 107 9.76 -1.45 -15.05
C GLU A 107 9.54 -2.35 -13.85
N MSE A 108 8.30 -2.73 -13.60
CA MSE A 108 7.95 -3.51 -12.41
C MSE A 108 7.60 -4.93 -12.79
O MSE A 108 6.91 -5.20 -13.76
CB MSE A 108 6.75 -2.87 -11.72
CG MSE A 108 7.02 -1.50 -11.13
SE MSE A 108 5.48 -0.62 -10.39
CE MSE A 108 5.21 -1.78 -8.90
N SER A 109 8.00 -5.85 -11.91
CA SER A 109 7.71 -7.26 -12.05
C SER A 109 6.30 -7.49 -11.46
N VAL A 110 5.28 -6.97 -12.11
CA VAL A 110 3.93 -7.18 -11.64
C VAL A 110 3.08 -7.63 -12.76
N THR A 111 2.14 -8.51 -12.38
CA THR A 111 1.15 -9.05 -13.28
C THR A 111 -0.18 -8.55 -12.79
N LEU A 112 -0.82 -7.74 -13.60
CA LEU A 112 -2.13 -7.21 -13.28
C LEU A 112 -3.19 -8.24 -13.56
N ILE A 113 -4.10 -8.42 -12.60
CA ILE A 113 -5.19 -9.38 -12.76
C ILE A 113 -6.50 -8.69 -12.37
N PRO A 114 -7.65 -9.18 -12.84
CA PRO A 114 -8.88 -8.49 -12.48
CA PRO A 114 -8.88 -8.51 -12.46
C PRO A 114 -9.19 -8.56 -10.98
N SER A 115 -9.72 -7.48 -10.45
N SER A 115 -9.68 -7.43 -10.50
CA SER A 115 -10.30 -7.54 -9.12
CA SER A 115 -10.38 -7.32 -9.22
C SER A 115 -11.63 -8.32 -9.16
C SER A 115 -11.86 -7.60 -9.43
N LYS A 116 -12.10 -8.70 -7.99
N LYS A 116 -12.55 -7.95 -8.36
CA LYS A 116 -13.40 -9.30 -7.86
CA LYS A 116 -13.91 -8.43 -8.51
C LYS A 116 -14.54 -8.33 -8.04
C LYS A 116 -15.01 -7.41 -8.36
N LYS A 117 -14.38 -7.11 -7.56
N LYS A 117 -14.83 -6.48 -7.44
CA LYS A 117 -15.46 -6.12 -7.51
CA LYS A 117 -15.86 -5.48 -7.23
C LYS A 117 -15.18 -4.73 -8.13
C LYS A 117 -15.31 -4.12 -7.45
N VAL A 118 -14.05 -4.05 -7.83
CA VAL A 118 -13.64 -2.77 -8.35
C VAL A 118 -13.06 -2.97 -9.75
N LYS A 119 -13.02 -1.89 -10.50
CA LYS A 119 -12.42 -1.90 -11.84
C LYS A 119 -10.90 -1.80 -11.82
N VAL A 120 -10.35 -1.22 -10.77
CA VAL A 120 -8.90 -1.16 -10.58
C VAL A 120 -8.37 -2.58 -10.46
N PRO A 121 -7.29 -2.91 -11.17
CA PRO A 121 -6.77 -4.28 -11.04
C PRO A 121 -6.04 -4.55 -9.75
N SER A 122 -5.89 -5.84 -9.51
CA SER A 122 -5.10 -6.38 -8.45
C SER A 122 -3.73 -6.86 -8.98
N ILE A 123 -2.81 -7.10 -8.05
CA ILE A 123 -1.46 -7.56 -8.40
C ILE A 123 -1.29 -8.99 -7.99
N GLU A 124 -1.00 -9.84 -8.98
CA GLU A 124 -0.98 -11.28 -8.71
C GLU A 124 0.07 -11.69 -7.67
N GLU A 125 1.22 -11.03 -7.71
CA GLU A 125 2.36 -11.32 -6.84
C GLU A 125 2.16 -10.85 -5.40
N ALA A 126 1.14 -10.03 -5.15
CA ALA A 126 0.92 -9.51 -3.81
C ALA A 126 0.45 -10.59 -2.88
N LEU A 127 0.74 -10.40 -1.60
CA LEU A 127 0.29 -11.28 -0.54
C LEU A 127 -1.23 -11.16 -0.33
N ALA A 128 -1.77 -9.98 -0.58
CA ALA A 128 -3.19 -9.70 -0.48
C ALA A 128 -3.50 -8.50 -1.37
N ASN A 129 -4.74 -8.42 -1.81
CA ASN A 129 -5.28 -7.28 -2.55
C ASN A 129 -6.62 -6.94 -1.95
N ILE A 130 -6.73 -5.72 -1.43
CA ILE A 130 -7.92 -5.24 -0.73
C ILE A 130 -8.59 -4.17 -1.60
N GLU A 131 -9.81 -4.47 -2.04
CA GLU A 131 -10.52 -3.66 -3.03
C GLU A 131 -11.40 -2.64 -2.36
N CYS A 132 -11.20 -1.35 -2.70
CA CYS A 132 -11.81 -0.26 -1.97
C CYS A 132 -12.57 0.71 -2.84
N ARG A 133 -13.72 1.13 -2.33
CA ARG A 133 -14.49 2.21 -2.94
CA ARG A 133 -14.53 2.19 -2.93
C ARG A 133 -14.47 3.43 -2.04
N VAL A 134 -14.11 4.56 -2.62
CA VAL A 134 -13.99 5.78 -1.84
C VAL A 134 -15.32 6.23 -1.28
N ILE A 135 -15.36 6.41 0.06
CA ILE A 135 -16.51 6.98 0.73
C ILE A 135 -16.29 8.35 1.36
N ASP A 136 -15.03 8.77 1.47
CA ASP A 136 -14.71 10.10 1.97
C ASP A 136 -13.31 10.48 1.51
N ALA A 137 -13.11 11.79 1.40
N ALA A 137 -12.98 11.77 1.56
CA ALA A 137 -11.83 12.39 1.14
CA ALA A 137 -11.69 12.26 1.04
C ALA A 137 -11.80 13.67 1.94
C ALA A 137 -11.27 13.64 1.57
N ARG A 138 -10.89 13.70 2.86
CA ARG A 138 -10.64 14.88 3.71
CA ARG A 138 -10.74 14.95 3.56
C ARG A 138 -9.25 15.39 3.54
N SER A 139 -9.05 16.71 3.52
CA SER A 139 -7.73 17.30 3.44
CA SER A 139 -7.75 17.29 3.42
C SER A 139 -7.25 17.57 4.84
N TYR A 140 -6.11 16.99 5.21
CA TYR A 140 -5.45 17.27 6.48
C TYR A 140 -4.05 17.65 6.13
N GLY A 141 -3.70 18.91 6.37
CA GLY A 141 -2.38 19.36 6.05
C GLY A 141 -2.06 19.09 4.59
N ASP A 142 -0.92 18.47 4.36
CA ASP A 142 -0.40 18.30 3.02
C ASP A 142 -0.80 17.00 2.31
N HIS A 143 -1.74 16.24 2.89
CA HIS A 143 -2.27 15.06 2.24
C HIS A 143 -3.79 15.02 2.25
N THR A 144 -4.37 14.27 1.31
CA THR A 144 -5.79 13.86 1.35
C THR A 144 -5.87 12.50 2.02
N PHE A 145 -6.78 12.33 2.94
CA PHE A 145 -7.04 11.03 3.57
C PHE A 145 -8.23 10.44 2.84
N PHE A 146 -7.94 9.48 1.96
CA PHE A 146 -8.99 8.76 1.23
C PHE A 146 -9.48 7.58 2.08
N VAL A 147 -10.77 7.56 2.35
CA VAL A 147 -11.40 6.51 3.14
C VAL A 147 -12.16 5.61 2.19
N GLY A 148 -11.85 4.33 2.26
CA GLY A 148 -12.37 3.34 1.33
C GLY A 148 -13.12 2.23 2.04
N GLU A 149 -14.38 2.01 1.63
CA GLU A 149 -15.10 0.85 2.08
C GLU A 149 -14.56 -0.37 1.32
N VAL A 150 -14.27 -1.44 2.03
CA VAL A 150 -13.71 -2.64 1.39
C VAL A 150 -14.86 -3.45 0.81
N VAL A 151 -14.81 -3.66 -0.51
CA VAL A 151 -15.89 -4.34 -1.24
C VAL A 151 -15.47 -5.70 -1.76
N GLY A 152 -14.21 -6.03 -1.62
CA GLY A 152 -13.70 -7.35 -1.97
C GLY A 152 -12.26 -7.49 -1.54
N TYR A 153 -11.79 -8.72 -1.53
CA TYR A 153 -10.39 -8.96 -1.32
C TYR A 153 -9.99 -10.35 -1.76
N THR A 154 -8.72 -10.46 -2.12
CA THR A 154 -8.09 -11.75 -2.38
C THR A 154 -6.76 -11.80 -1.64
N TYR A 155 -6.22 -12.99 -1.46
CA TYR A 155 -4.96 -13.16 -0.80
C TYR A 155 -4.36 -14.51 -1.13
N LYS A 156 -3.04 -14.60 -0.92
CA LYS A 156 -2.30 -15.85 -1.05
C LYS A 156 -2.56 -16.69 0.19
N ASP A 157 -3.12 -17.89 -0.01
CA ASP A 157 -3.49 -18.78 1.10
CA ASP A 157 -3.53 -18.69 1.14
C ASP A 157 -2.38 -18.89 2.13
N TYR A 158 -1.16 -19.16 1.65
CA TYR A 158 -0.07 -19.43 2.58
C TYR A 158 0.29 -18.28 3.45
N ALA A 159 0.09 -17.06 2.95
CA ALA A 159 0.44 -15.85 3.70
C ALA A 159 -0.44 -15.60 4.90
N PHE A 160 -1.61 -16.24 4.92
CA PHE A 160 -2.58 -16.09 6.01
C PHE A 160 -3.13 -17.46 6.45
N GLU A 161 -2.28 -18.47 6.31
N GLU A 161 -2.29 -18.48 6.47
CA GLU A 161 -2.67 -19.88 6.36
CA GLU A 161 -2.77 -19.80 6.92
C GLU A 161 -3.46 -20.23 7.59
C GLU A 161 -3.24 -19.78 8.36
N LYS A 162 -3.11 -19.64 8.73
N LYS A 162 -4.28 -20.57 8.62
CA LYS A 162 -3.76 -20.01 9.99
CA LYS A 162 -4.92 -20.66 9.93
C LYS A 162 -4.85 -19.03 10.45
C LYS A 162 -5.52 -19.33 10.37
N GLY A 163 -5.51 -18.34 9.50
CA GLY A 163 -6.36 -17.22 9.77
C GLY A 163 -5.65 -16.06 10.44
N LYS A 164 -4.33 -15.98 10.23
CA LYS A 164 -3.52 -14.88 10.73
C LYS A 164 -2.32 -14.80 9.84
N PRO A 165 -1.60 -13.69 9.89
CA PRO A 165 -0.41 -13.59 9.06
C PRO A 165 0.62 -14.64 9.35
N ASN A 166 1.18 -15.18 8.29
CA ASN A 166 2.27 -16.16 8.34
C ASN A 166 3.55 -15.38 8.19
N LEU A 167 4.30 -15.25 9.29
CA LEU A 167 5.48 -14.40 9.29
C LEU A 167 6.56 -14.82 8.29
N LYS A 168 6.55 -16.09 7.87
CA LYS A 168 7.41 -16.61 6.83
CA LYS A 168 7.50 -16.52 6.87
C LYS A 168 7.23 -15.90 5.50
N ALA A 169 6.07 -15.23 5.31
CA ALA A 169 5.77 -14.52 4.04
C ALA A 169 6.57 -13.22 3.84
N LYS A 170 7.27 -12.74 4.88
CA LYS A 170 8.17 -11.60 4.77
C LYS A 170 7.41 -10.29 4.47
N PHE A 171 6.43 -9.99 5.32
CA PHE A 171 5.70 -8.72 5.24
C PHE A 171 6.68 -7.54 5.33
N LEU A 172 6.44 -6.48 4.57
CA LEU A 172 7.41 -5.41 4.43
C LEU A 172 7.12 -4.25 5.37
N ALA A 173 8.19 -3.76 6.01
CA ALA A 173 8.19 -2.55 6.80
C ALA A 173 9.31 -1.61 6.37
N HIS A 174 9.09 -0.35 6.66
CA HIS A 174 9.94 0.76 6.23
C HIS A 174 10.55 1.39 7.50
N VAL A 175 11.87 1.50 7.52
CA VAL A 175 12.57 2.08 8.67
C VAL A 175 12.92 3.54 8.48
N SER A 176 13.63 3.82 7.41
N SER A 176 13.38 3.88 7.29
CA SER A 176 14.03 5.17 7.02
CA SER A 176 13.70 5.26 6.95
C SER A 176 13.98 5.23 5.51
C SER A 176 14.17 5.30 5.50
N TRP A 177 14.38 6.36 4.95
N TRP A 177 13.87 6.41 4.81
CA TRP A 177 14.21 6.61 3.54
CA TRP A 177 14.17 6.61 3.39
C TRP A 177 14.26 5.37 2.60
C TRP A 177 14.25 5.31 2.60
N SER A 178 15.46 4.79 2.43
CA SER A 178 15.68 3.64 1.56
C SER A 178 15.93 2.33 2.32
N GLU A 179 15.62 2.29 3.63
CA GLU A 179 15.88 1.13 4.45
CA GLU A 179 15.89 1.13 4.48
C GLU A 179 14.59 0.44 4.88
N PHE A 180 14.56 -0.88 4.67
CA PHE A 180 13.40 -1.72 4.90
C PHE A 180 13.77 -2.94 5.70
N VAL A 181 12.77 -3.53 6.34
CA VAL A 181 12.96 -4.74 7.14
CA VAL A 181 12.95 -4.66 7.22
C VAL A 181 11.71 -5.55 7.12
N THR A 182 11.83 -6.80 7.58
CA THR A 182 10.66 -7.58 7.90
C THR A 182 10.62 -7.90 9.40
N PHE A 183 9.68 -8.73 9.79
CA PHE A 183 9.47 -9.12 11.17
C PHE A 183 10.31 -10.29 11.58
N SER A 184 10.63 -10.32 12.85
CA SER A 184 11.09 -11.55 13.47
C SER A 184 10.01 -12.60 13.40
N GLU A 185 10.41 -13.89 13.34
CA GLU A 185 9.47 -14.98 13.40
CA GLU A 185 9.46 -14.99 13.39
C GLU A 185 9.20 -15.42 14.82
N LYS A 186 9.91 -14.82 15.79
CA LYS A 186 9.74 -15.17 17.23
CA LYS A 186 9.70 -15.23 17.19
C LYS A 186 8.52 -14.47 17.80
N VAL A 187 7.47 -15.24 18.04
CA VAL A 187 6.21 -14.69 18.53
C VAL A 187 6.21 -14.70 20.06
N HIS A 188 5.74 -13.59 20.60
CA HIS A 188 5.56 -13.39 22.02
C HIS A 188 4.06 -13.40 22.33
N LYS A 189 3.65 -14.24 23.28
CA LYS A 189 2.27 -14.40 23.62
C LYS A 189 1.99 -13.53 24.83
N ALA A 190 0.90 -12.78 24.77
CA ALA A 190 0.50 -11.93 25.87
C ALA A 190 -0.44 -12.68 26.82
N GLU A 191 -1.04 -13.76 26.36
CA GLU A 191 -2.01 -14.53 27.15
CA GLU A 191 -1.86 -14.57 27.27
C GLU A 191 -1.86 -16.02 26.83
N1 FMN B . 3.20 9.05 -0.75
C2 FMN B . 2.01 9.36 -0.17
O2 FMN B . 1.31 10.29 -0.63
N3 FMN B . 1.54 8.63 0.92
C4 FMN B . 2.28 7.62 1.50
O4 FMN B . 1.79 6.99 2.46
C4A FMN B . 3.55 7.32 0.94
N5 FMN B . 4.30 6.32 1.46
C5A FMN B . 5.49 5.97 0.80
C6 FMN B . 6.24 4.88 1.26
C7 FMN B . 7.43 4.53 0.65
C7M FMN B . 8.15 3.28 1.08
C8 FMN B . 7.86 5.26 -0.46
C8M FMN B . 9.16 4.86 -1.13
C9 FMN B . 7.10 6.34 -0.95
C9A FMN B . 5.92 6.69 -0.33
N10 FMN B . 5.16 7.75 -0.80
C10 FMN B . 3.95 8.06 -0.20
C1' FMN B . 5.54 8.54 -2.01
C2' FMN B . 4.95 7.96 -3.30
O2' FMN B . 4.96 6.53 -3.32
C3' FMN B . 5.79 8.48 -4.45
O3' FMN B . 5.78 9.93 -4.48
C4' FMN B . 5.43 7.91 -5.82
O4' FMN B . 6.51 8.21 -6.71
C5' FMN B . 4.16 8.55 -6.35
O5' FMN B . 3.83 7.92 -7.61
P FMN B . 2.62 8.45 -8.49
O1P FMN B . 1.34 8.33 -7.70
O2P FMN B . 2.69 7.50 -9.68
O3P FMN B . 2.86 9.89 -8.90
N1 NCA C . 7.90 9.23 1.90
C2 NCA C . 7.01 10.20 1.65
C3 NCA C . 5.75 10.15 2.26
C4 NCA C . 5.44 9.12 3.12
C5 NCA C . 6.41 8.14 3.40
C6 NCA C . 7.64 8.21 2.74
C7 NCA C . 4.75 11.22 1.96
O7 NCA C . 3.63 10.96 1.69
N7 NCA C . 5.09 12.48 1.94
C1 EDO D . 3.56 16.24 0.84
O1 EDO D . 4.32 15.86 2.01
C2 EDO D . 4.32 15.81 -0.39
O2 EDO D . 5.62 16.43 -0.39
#